data_1NKM
#
_entry.id   1NKM
#
_cell.length_a   73.880
_cell.length_b   73.880
_cell.length_c   216.430
_cell.angle_alpha   90.00
_cell.angle_beta   90.00
_cell.angle_gamma   90.00
#
_symmetry.space_group_name_H-M   'P 41 21 2'
#
loop_
_entity.id
_entity.type
_entity.pdbx_description
1 polymer Assemblin
2 non-polymer N-(6-aminohexanoyl)-3-methyl-L-valyl-3-methyl-L-valyl-N~1~-[(2S,3S)-3-hydroxy-4-oxo-4-{[(1R)-1-phenylpropyl]amino}butan-2-yl]-N~4~,N~4~-dimethyl-L-aspartamide
#
_entity_poly.entity_id   1
_entity_poly.type   'polypeptide(L)'
_entity_poly.pdbx_seq_one_letter_code
;MTMDEQQSQAVAPVYVGGFLARYDQSPDEAELLLPRDVVEHWLHAQGQGQPSLSVALPLNINHDDTAVVGHVAAMQSVRD
GLFCLGCVTSPRFLEIVRRASEKSELVSRGPVSPLQPDKVVEFLSGSYAGLSLSSRRCDDVEQATSLSGSETTPFKHVAL
CSVGRRRGTLAVYGRDPEWVTQRFPDLTAADRDGLRAQWQRCGSTAVDASGDPFRSDSYGLLGNSVDALYIRERLPKLRY
DKQLVGVTERESYVKA
;
_entity_poly.pdbx_strand_id   A,B
#
loop_
_chem_comp.id
_chem_comp.type
_chem_comp.name
_chem_comp.formula
0FP peptide-like N-(6-aminohexanoyl)-3-methyl-L-valyl-3-methyl-L-valyl-N~1~-[(2S,3S)-3-hydroxy-4-oxo-4-{[(1R)-1-phenylpropyl]amino}butan-2-yl]-N~4~,N~4~-dimethyl-L-aspartamide 'C37 H63 N7 O7'
#
# COMPACT_ATOMS: atom_id res chain seq x y z
N ASP A 4 17.34 -0.36 -24.85
CA ASP A 4 17.87 -1.10 -23.68
C ASP A 4 17.49 -2.56 -23.80
N GLU A 5 16.70 -2.87 -24.84
CA GLU A 5 16.20 -4.23 -25.11
C GLU A 5 15.32 -4.66 -23.94
N GLN A 6 15.98 -4.96 -22.82
CA GLN A 6 15.30 -5.40 -21.61
C GLN A 6 14.16 -4.44 -21.26
N GLN A 7 14.48 -3.16 -21.13
CA GLN A 7 13.50 -2.13 -20.79
C GLN A 7 12.36 -2.15 -21.80
N SER A 8 12.51 -2.94 -22.85
CA SER A 8 11.51 -3.04 -23.90
C SER A 8 10.71 -4.32 -23.77
N GLN A 9 11.34 -5.37 -23.24
CA GLN A 9 10.66 -6.66 -23.04
C GLN A 9 9.67 -6.43 -21.91
N ALA A 10 10.13 -5.76 -20.87
CA ALA A 10 9.34 -5.43 -19.69
C ALA A 10 8.05 -4.72 -20.08
N VAL A 11 8.21 -3.57 -20.72
CA VAL A 11 7.09 -2.76 -21.13
C VAL A 11 6.20 -3.39 -22.24
N ALA A 12 6.33 -4.70 -22.43
CA ALA A 12 5.50 -5.36 -23.42
C ALA A 12 4.17 -5.59 -22.73
N PRO A 13 3.08 -5.71 -23.50
CA PRO A 13 1.74 -5.93 -22.93
C PRO A 13 1.72 -7.06 -21.91
N VAL A 14 0.80 -6.97 -20.96
CA VAL A 14 0.66 -7.98 -19.92
C VAL A 14 -0.79 -8.37 -19.77
N TYR A 15 -1.08 -9.66 -19.84
CA TYR A 15 -2.46 -10.11 -19.68
C TYR A 15 -2.78 -10.36 -18.22
N VAL A 16 -4.06 -10.30 -17.90
CA VAL A 16 -4.53 -10.53 -16.56
C VAL A 16 -5.77 -11.37 -16.74
N GLY A 17 -6.03 -12.29 -15.84
CA GLY A 17 -7.21 -13.11 -15.95
C GLY A 17 -7.78 -13.44 -14.59
N GLY A 18 -9.05 -13.84 -14.57
CA GLY A 18 -9.69 -14.18 -13.32
C GLY A 18 -11.20 -14.07 -13.42
N PHE A 19 -11.88 -14.39 -12.33
CA PHE A 19 -13.33 -14.32 -12.28
C PHE A 19 -13.78 -12.96 -11.79
N LEU A 20 -14.87 -12.49 -12.38
CA LEU A 20 -15.44 -11.21 -11.99
C LEU A 20 -16.44 -11.50 -10.89
N ALA A 21 -16.96 -12.71 -10.88
CA ALA A 21 -17.92 -13.13 -9.86
C ALA A 21 -17.99 -14.64 -9.85
N ARG A 22 -18.09 -15.22 -8.65
CA ARG A 22 -18.17 -16.68 -8.52
C ARG A 22 -19.54 -17.14 -8.06
N TYR A 23 -20.35 -17.64 -9.00
CA TYR A 23 -21.72 -18.10 -8.74
C TYR A 23 -21.99 -18.79 -7.38
N ASP A 24 -21.11 -19.71 -7.00
CA ASP A 24 -21.24 -20.44 -5.74
C ASP A 24 -20.84 -19.58 -4.55
N GLN A 25 -20.99 -18.27 -4.64
CA GLN A 25 -20.57 -17.41 -3.55
C GLN A 25 -21.59 -16.34 -3.26
N SER A 26 -22.00 -16.24 -2.00
CA SER A 26 -22.97 -15.24 -1.59
C SER A 26 -22.25 -13.92 -1.20
N PRO A 27 -22.50 -12.87 -1.99
CA PRO A 27 -21.93 -11.53 -1.79
C PRO A 27 -21.91 -11.11 -0.33
N ASP A 28 -21.09 -10.11 -0.02
CA ASP A 28 -21.00 -9.55 1.32
C ASP A 28 -22.11 -8.54 1.42
N GLU A 29 -22.67 -8.16 0.28
CA GLU A 29 -23.74 -7.18 0.28
C GLU A 29 -24.73 -7.47 -0.82
N ALA A 30 -25.98 -7.07 -0.62
CA ALA A 30 -26.99 -7.34 -1.61
C ALA A 30 -26.60 -6.80 -2.99
N GLU A 31 -26.10 -5.56 -3.02
CA GLU A 31 -25.70 -4.91 -4.26
C GLU A 31 -24.77 -5.78 -5.10
N LEU A 32 -23.93 -6.56 -4.43
CA LEU A 32 -22.97 -7.44 -5.12
C LEU A 32 -23.58 -8.69 -5.76
N LEU A 33 -24.91 -8.83 -5.67
CA LEU A 33 -25.57 -9.99 -6.25
C LEU A 33 -25.48 -9.95 -7.78
N LEU A 34 -24.96 -11.03 -8.36
CA LEU A 34 -24.80 -11.12 -9.80
C LEU A 34 -24.90 -12.60 -10.17
N PRO A 35 -26.14 -13.08 -10.38
CA PRO A 35 -26.44 -14.47 -10.72
C PRO A 35 -26.17 -14.86 -12.18
N ARG A 36 -25.85 -16.14 -12.37
CA ARG A 36 -25.58 -16.71 -13.68
C ARG A 36 -26.60 -16.30 -14.73
N ASP A 37 -27.88 -16.39 -14.40
CA ASP A 37 -28.95 -16.02 -15.33
C ASP A 37 -28.79 -14.60 -15.86
N VAL A 38 -28.46 -13.67 -14.98
CA VAL A 38 -28.27 -12.28 -15.37
C VAL A 38 -27.08 -12.13 -16.32
N VAL A 39 -25.95 -12.70 -15.89
CA VAL A 39 -24.71 -12.65 -16.66
C VAL A 39 -24.91 -13.08 -18.10
N GLU A 40 -25.40 -14.29 -18.29
CA GLU A 40 -25.61 -14.81 -19.65
C GLU A 40 -26.52 -13.91 -20.47
N HIS A 41 -27.58 -13.40 -19.87
CA HIS A 41 -28.48 -12.54 -20.62
C HIS A 41 -27.75 -11.26 -21.03
N TRP A 42 -26.94 -10.75 -20.12
CA TRP A 42 -26.17 -9.53 -20.37
C TRP A 42 -25.12 -9.75 -21.43
N LEU A 43 -24.23 -10.70 -21.19
CA LEU A 43 -23.18 -11.01 -22.15
C LEU A 43 -23.82 -11.18 -23.51
N HIS A 44 -24.97 -11.86 -23.55
CA HIS A 44 -25.69 -12.08 -24.80
C HIS A 44 -25.92 -10.77 -25.53
N ALA A 45 -26.28 -9.73 -24.78
CA ALA A 45 -26.50 -8.42 -25.37
C ALA A 45 -25.13 -7.76 -25.53
N GLN A 46 -24.79 -6.88 -24.58
CA GLN A 46 -23.52 -6.16 -24.60
C GLN A 46 -22.39 -7.06 -25.12
N ALA A 56 -15.68 -2.36 -26.69
CA ALA A 56 -14.85 -3.23 -25.85
C ALA A 56 -14.62 -2.62 -24.47
N LEU A 57 -15.03 -3.35 -23.43
CA LEU A 57 -14.90 -2.90 -22.04
C LEU A 57 -13.51 -2.43 -21.64
N PRO A 58 -13.43 -1.26 -20.98
CA PRO A 58 -12.20 -0.62 -20.50
C PRO A 58 -11.60 -1.36 -19.31
N LEU A 59 -10.28 -1.26 -19.17
CA LEU A 59 -9.58 -1.92 -18.09
C LEU A 59 -8.82 -0.83 -17.35
N ASN A 60 -9.31 -0.43 -16.17
CA ASN A 60 -8.65 0.62 -15.41
C ASN A 60 -8.09 0.18 -14.05
N ILE A 61 -7.66 1.16 -13.26
CA ILE A 61 -7.10 0.89 -11.95
C ILE A 61 -8.04 1.46 -10.90
N ASN A 62 -8.50 0.60 -10.00
CA ASN A 62 -9.40 1.02 -8.94
C ASN A 62 -10.59 1.83 -9.42
N HIS A 63 -11.12 1.49 -10.58
CA HIS A 63 -12.27 2.20 -11.09
C HIS A 63 -12.04 3.64 -11.47
N ASP A 64 -10.81 4.14 -11.34
CA ASP A 64 -10.51 5.52 -11.70
C ASP A 64 -10.60 5.62 -13.22
N ASP A 65 -11.55 6.40 -13.74
CA ASP A 65 -11.67 6.46 -15.19
C ASP A 65 -10.56 7.27 -15.82
N THR A 66 -9.67 7.78 -14.97
CA THR A 66 -8.55 8.56 -15.43
C THR A 66 -7.27 7.72 -15.33
N ALA A 67 -7.45 6.42 -15.18
CA ALA A 67 -6.33 5.51 -15.09
C ALA A 67 -6.60 4.22 -15.85
N VAL A 68 -6.98 4.34 -17.11
CA VAL A 68 -7.25 3.16 -17.95
C VAL A 68 -5.93 2.64 -18.48
N VAL A 69 -5.59 1.39 -18.18
CA VAL A 69 -4.32 0.83 -18.62
C VAL A 69 -4.40 -0.11 -19.81
N GLY A 70 -5.61 -0.52 -20.14
CA GLY A 70 -5.80 -1.41 -21.27
C GLY A 70 -7.27 -1.63 -21.52
N HIS A 71 -7.62 -2.84 -21.93
CA HIS A 71 -9.02 -3.20 -22.20
C HIS A 71 -9.25 -4.67 -21.87
N VAL A 72 -10.53 -5.04 -21.84
CA VAL A 72 -10.99 -6.39 -21.57
C VAL A 72 -10.95 -7.13 -22.90
N ALA A 73 -10.27 -8.27 -22.93
CA ALA A 73 -10.13 -9.06 -24.15
C ALA A 73 -11.16 -10.16 -24.29
N ALA A 74 -11.65 -10.67 -23.16
CA ALA A 74 -12.63 -11.74 -23.15
C ALA A 74 -13.47 -11.81 -21.87
N MET A 75 -14.73 -12.20 -22.05
CA MET A 75 -15.69 -12.36 -20.95
C MET A 75 -16.34 -13.70 -21.25
N GLN A 76 -16.52 -14.53 -20.23
CA GLN A 76 -17.14 -15.82 -20.44
C GLN A 76 -17.78 -16.36 -19.18
N SER A 77 -18.98 -16.91 -19.32
CA SER A 77 -19.64 -17.48 -18.16
C SER A 77 -19.40 -18.98 -18.16
N VAL A 78 -18.42 -19.39 -17.38
CA VAL A 78 -18.05 -20.78 -17.25
C VAL A 78 -19.00 -21.48 -16.27
N ARG A 79 -18.49 -22.44 -15.50
CA ARG A 79 -19.35 -23.16 -14.57
C ARG A 79 -19.45 -22.52 -13.20
N ASP A 80 -18.30 -22.18 -12.61
CA ASP A 80 -18.30 -21.58 -11.28
C ASP A 80 -18.54 -20.07 -11.23
N GLY A 81 -18.62 -19.42 -12.39
CA GLY A 81 -18.84 -17.98 -12.41
C GLY A 81 -18.50 -17.29 -13.73
N LEU A 82 -18.41 -15.96 -13.67
CA LEU A 82 -18.08 -15.13 -14.84
C LEU A 82 -16.57 -14.95 -14.88
N PHE A 83 -15.96 -15.23 -16.03
CA PHE A 83 -14.51 -15.13 -16.17
C PHE A 83 -14.06 -14.19 -17.27
N CYS A 84 -13.13 -13.29 -16.96
CA CYS A 84 -12.65 -12.38 -17.99
C CYS A 84 -11.15 -12.43 -18.13
N LEU A 85 -10.68 -12.02 -19.31
CA LEU A 85 -9.27 -11.98 -19.62
C LEU A 85 -8.98 -10.56 -20.09
N GLY A 86 -8.22 -9.83 -19.31
CA GLY A 86 -7.90 -8.47 -19.68
C GLY A 86 -6.46 -8.30 -20.16
N CYS A 87 -6.25 -7.26 -20.94
CA CYS A 87 -4.93 -6.96 -21.49
C CYS A 87 -4.45 -5.54 -21.13
N VAL A 88 -3.33 -5.45 -20.41
CA VAL A 88 -2.75 -4.17 -20.01
C VAL A 88 -1.89 -3.70 -21.18
N THR A 89 -2.05 -2.45 -21.63
CA THR A 89 -1.27 -2.01 -22.77
C THR A 89 -0.60 -0.66 -22.65
N SER A 90 -1.22 0.24 -21.89
CA SER A 90 -0.69 1.59 -21.72
C SER A 90 0.81 1.67 -21.45
N PRO A 91 1.58 2.17 -22.43
CA PRO A 91 3.02 2.28 -22.21
C PRO A 91 3.35 3.25 -21.06
N ARG A 92 2.52 4.28 -20.89
CA ARG A 92 2.75 5.26 -19.82
C ARG A 92 2.68 4.57 -18.46
N PHE A 93 1.59 3.82 -18.26
CA PHE A 93 1.38 3.09 -17.03
C PHE A 93 2.44 2.03 -16.88
N LEU A 94 2.67 1.25 -17.94
CA LEU A 94 3.67 0.18 -17.85
C LEU A 94 5.07 0.70 -17.48
N GLU A 95 5.43 1.87 -18.00
CA GLU A 95 6.73 2.43 -17.70
C GLU A 95 6.86 2.67 -16.20
N ILE A 96 5.87 3.37 -15.63
CA ILE A 96 5.84 3.67 -14.20
C ILE A 96 5.99 2.38 -13.42
N VAL A 97 5.20 1.39 -13.82
CA VAL A 97 5.19 0.08 -13.20
C VAL A 97 6.57 -0.55 -13.25
N ARG A 98 7.29 -0.26 -14.34
CA ARG A 98 8.62 -0.80 -14.56
C ARG A 98 9.56 -0.05 -13.65
N ARG A 99 9.31 1.23 -13.46
CA ARG A 99 10.13 2.09 -12.60
C ARG A 99 9.99 1.76 -11.12
N ALA A 100 8.75 1.49 -10.71
CA ALA A 100 8.43 1.18 -9.32
C ALA A 100 8.91 -0.20 -8.93
N SER A 101 8.74 -1.15 -9.84
CA SER A 101 9.16 -2.53 -9.59
C SER A 101 10.64 -2.55 -9.24
N GLU A 102 11.40 -1.72 -9.95
CA GLU A 102 12.84 -1.62 -9.74
C GLU A 102 13.17 -1.23 -8.29
N LYS A 103 12.18 -0.79 -7.53
CA LYS A 103 12.40 -0.35 -6.16
C LYS A 103 11.46 -1.04 -5.18
N SER A 104 11.16 -2.30 -5.44
CA SER A 104 10.26 -3.07 -4.58
C SER A 104 10.98 -4.29 -4.04
N GLU A 105 11.20 -4.38 -2.73
CA GLU A 105 11.89 -5.55 -2.21
C GLU A 105 11.07 -6.82 -2.43
N LEU A 106 9.78 -6.67 -2.67
CA LEU A 106 8.95 -7.83 -2.96
C LEU A 106 9.33 -8.32 -4.36
N VAL A 107 9.21 -7.45 -5.34
CA VAL A 107 9.55 -7.83 -6.71
C VAL A 107 10.93 -8.48 -6.67
N SER A 108 11.88 -7.75 -6.12
CA SER A 108 13.25 -8.20 -6.01
C SER A 108 13.40 -9.63 -5.46
N ARG A 109 12.47 -10.06 -4.63
CA ARG A 109 12.54 -11.41 -4.07
C ARG A 109 12.28 -12.50 -5.10
N GLY A 110 11.84 -12.12 -6.29
CA GLY A 110 11.58 -13.09 -7.34
C GLY A 110 10.37 -13.98 -7.12
N PRO A 111 10.03 -14.83 -8.11
CA PRO A 111 8.88 -15.73 -8.00
C PRO A 111 9.27 -17.15 -7.60
N VAL A 112 8.27 -18.03 -7.55
CA VAL A 112 8.46 -19.42 -7.16
C VAL A 112 9.25 -20.30 -8.14
N SER A 113 9.98 -21.23 -7.52
CA SER A 113 10.83 -22.25 -8.14
C SER A 113 11.23 -22.24 -9.62
N PRO A 114 10.37 -22.77 -10.53
CA PRO A 114 10.73 -22.79 -11.95
C PRO A 114 10.34 -21.56 -12.80
N LEU A 115 9.61 -20.61 -12.21
CA LEU A 115 9.21 -19.40 -12.93
C LEU A 115 10.34 -18.37 -13.02
N GLN A 116 10.44 -17.73 -14.19
CA GLN A 116 11.46 -16.72 -14.41
C GLN A 116 10.98 -15.30 -14.04
N PRO A 117 11.87 -14.50 -13.43
CA PRO A 117 11.59 -13.13 -12.99
C PRO A 117 11.03 -12.20 -14.06
N ASP A 118 9.93 -11.54 -13.72
CA ASP A 118 9.24 -10.61 -14.59
C ASP A 118 8.78 -9.54 -13.61
N LYS A 119 9.65 -8.58 -13.34
CA LYS A 119 9.35 -7.51 -12.40
C LYS A 119 8.02 -6.81 -12.66
N VAL A 120 7.82 -6.31 -13.87
CA VAL A 120 6.58 -5.64 -14.19
C VAL A 120 5.36 -6.56 -13.94
N VAL A 121 5.49 -7.84 -14.24
CA VAL A 121 4.39 -8.77 -14.00
C VAL A 121 4.20 -8.97 -12.49
N GLU A 122 5.27 -9.37 -11.81
CA GLU A 122 5.25 -9.58 -10.36
C GLU A 122 4.70 -8.37 -9.60
N PHE A 123 5.19 -7.19 -9.96
CA PHE A 123 4.75 -5.97 -9.31
C PHE A 123 3.25 -5.72 -9.43
N LEU A 124 2.66 -6.08 -10.57
CA LEU A 124 1.24 -5.88 -10.74
C LEU A 124 0.52 -6.95 -9.94
N SER A 125 1.09 -8.14 -9.88
CA SER A 125 0.49 -9.22 -9.11
C SER A 125 0.44 -8.79 -7.66
N GLY A 126 1.55 -8.27 -7.16
CA GLY A 126 1.55 -7.83 -5.79
C GLY A 126 0.67 -6.60 -5.60
N SER A 127 0.63 -5.74 -6.61
CA SER A 127 -0.12 -4.51 -6.50
C SER A 127 -1.62 -4.59 -6.68
N TYR A 128 -2.07 -5.21 -7.76
CA TYR A 128 -3.51 -5.30 -7.99
C TYR A 128 -3.88 -6.77 -8.10
N ALA A 129 -3.90 -7.44 -6.95
CA ALA A 129 -4.17 -8.86 -6.91
C ALA A 129 -5.61 -9.24 -7.17
N GLY A 130 -6.52 -8.28 -7.21
CA GLY A 130 -7.91 -8.60 -7.45
C GLY A 130 -8.58 -7.95 -8.65
N LEU A 131 -9.74 -8.47 -9.02
CA LEU A 131 -10.51 -7.94 -10.15
C LEU A 131 -11.89 -7.44 -9.73
N SER A 132 -12.19 -6.17 -9.99
CA SER A 132 -13.50 -5.67 -9.64
C SER A 132 -14.23 -5.25 -10.92
N LEU A 133 -15.48 -5.69 -11.06
CA LEU A 133 -16.31 -5.39 -12.23
C LEU A 133 -17.34 -4.30 -12.02
N SER A 134 -17.32 -3.27 -12.86
CA SER A 134 -18.32 -2.22 -12.73
C SER A 134 -19.57 -2.68 -13.49
N SER A 135 -20.72 -2.68 -12.81
CA SER A 135 -21.98 -3.10 -13.43
C SER A 135 -23.12 -2.17 -13.03
N ARG A 136 -24.35 -2.56 -13.38
CA ARG A 136 -25.52 -1.76 -13.04
C ARG A 136 -26.44 -2.32 -11.95
N ARG A 137 -27.24 -3.35 -12.27
CA ARG A 137 -28.17 -3.92 -11.28
C ARG A 137 -27.97 -5.40 -11.01
N THR A 152 -27.58 1.37 -22.34
CA THR A 152 -26.86 0.29 -23.02
C THR A 152 -25.56 -0.09 -22.29
N THR A 153 -25.22 -1.38 -22.36
CA THR A 153 -24.01 -1.94 -21.73
C THR A 153 -23.99 -1.94 -20.19
N PRO A 154 -24.53 -3.01 -19.57
CA PRO A 154 -24.58 -3.13 -18.12
C PRO A 154 -23.16 -3.18 -17.57
N PHE A 155 -22.26 -3.74 -18.39
CA PHE A 155 -20.86 -3.84 -18.01
C PHE A 155 -20.16 -2.53 -18.37
N LYS A 156 -19.81 -1.75 -17.35
CA LYS A 156 -19.15 -0.48 -17.56
C LYS A 156 -17.67 -0.70 -17.83
N HIS A 157 -17.02 -1.47 -16.97
CA HIS A 157 -15.60 -1.76 -17.12
C HIS A 157 -15.12 -2.73 -16.04
N VAL A 158 -13.87 -3.16 -16.17
CA VAL A 158 -13.26 -4.04 -15.19
C VAL A 158 -12.10 -3.26 -14.59
N ALA A 159 -11.89 -3.40 -13.29
CA ALA A 159 -10.82 -2.67 -12.65
C ALA A 159 -9.84 -3.53 -11.85
N LEU A 160 -8.56 -3.26 -12.02
CA LEU A 160 -7.52 -3.96 -11.28
C LEU A 160 -7.48 -3.28 -9.92
N CYS A 161 -7.57 -4.05 -8.85
CA CYS A 161 -7.56 -3.47 -7.52
C CYS A 161 -6.83 -4.35 -6.51
N SER A 162 -6.50 -3.82 -5.35
CA SER A 162 -5.75 -4.62 -4.42
C SER A 162 -6.51 -5.82 -3.86
N VAL A 163 -7.84 -5.80 -4.00
CA VAL A 163 -8.70 -6.91 -3.54
C VAL A 163 -10.13 -6.70 -4.03
N GLY A 164 -10.72 -7.69 -4.71
CA GLY A 164 -12.09 -7.53 -5.17
C GLY A 164 -13.09 -7.51 -4.02
N ARG A 165 -14.27 -6.92 -4.22
CA ARG A 165 -15.29 -6.93 -3.17
C ARG A 165 -16.00 -8.28 -3.22
N ARG A 166 -16.04 -8.88 -4.41
CA ARG A 166 -16.64 -10.19 -4.59
C ARG A 166 -15.51 -11.19 -4.27
N ARG A 167 -15.83 -12.44 -3.92
CA ARG A 167 -14.77 -13.38 -3.58
C ARG A 167 -14.44 -14.32 -4.73
N GLY A 168 -13.15 -14.63 -4.88
CA GLY A 168 -12.66 -15.50 -5.94
C GLY A 168 -12.22 -14.68 -7.13
N THR A 169 -12.09 -13.38 -6.91
CA THR A 169 -11.71 -12.46 -7.96
C THR A 169 -10.21 -12.24 -8.06
N LEU A 170 -9.43 -13.24 -7.67
CA LEU A 170 -7.99 -13.12 -7.74
C LEU A 170 -7.63 -12.80 -9.18
N ALA A 171 -6.69 -11.87 -9.36
CA ALA A 171 -6.22 -11.46 -10.68
C ALA A 171 -4.93 -12.21 -10.92
N VAL A 172 -4.76 -12.72 -12.14
CA VAL A 172 -3.54 -13.44 -12.50
C VAL A 172 -2.89 -12.78 -13.71
N TYR A 173 -1.64 -12.37 -13.53
CA TYR A 173 -0.90 -11.69 -14.57
C TYR A 173 0.19 -12.56 -15.21
N GLY A 174 0.29 -12.45 -16.52
CA GLY A 174 1.27 -13.21 -17.28
C GLY A 174 1.49 -12.58 -18.64
N ARG A 175 2.55 -12.99 -19.33
CA ARG A 175 2.84 -12.44 -20.65
C ARG A 175 2.02 -13.17 -21.71
N ASP A 176 1.83 -14.48 -21.53
CA ASP A 176 1.02 -15.26 -22.46
C ASP A 176 -0.44 -15.41 -22.00
N PRO A 177 -1.39 -14.93 -22.83
CA PRO A 177 -2.80 -15.04 -22.47
C PRO A 177 -3.23 -16.50 -22.28
N GLU A 178 -2.67 -17.38 -23.10
CA GLU A 178 -2.95 -18.82 -23.03
C GLU A 178 -2.53 -19.33 -21.67
N TRP A 179 -1.38 -18.86 -21.23
CA TRP A 179 -0.80 -19.27 -19.96
C TRP A 179 -1.59 -18.78 -18.75
N VAL A 180 -2.14 -17.56 -18.81
CA VAL A 180 -2.91 -17.08 -17.67
C VAL A 180 -4.19 -17.88 -17.55
N THR A 181 -4.76 -18.27 -18.68
CA THR A 181 -5.97 -19.04 -18.65
C THR A 181 -5.73 -20.40 -18.02
N GLN A 182 -4.60 -21.04 -18.39
CA GLN A 182 -4.25 -22.35 -17.85
C GLN A 182 -3.97 -22.30 -16.34
N ARG A 183 -4.08 -21.13 -15.73
CA ARG A 183 -3.83 -20.99 -14.30
C ARG A 183 -5.08 -21.24 -13.47
N PHE A 184 -6.14 -21.68 -14.10
CA PHE A 184 -7.38 -21.93 -13.37
C PHE A 184 -7.95 -23.31 -13.67
N PRO A 185 -7.84 -24.24 -12.71
CA PRO A 185 -8.33 -25.61 -12.83
C PRO A 185 -9.76 -25.70 -13.35
N ASP A 186 -10.66 -24.92 -12.75
CA ASP A 186 -12.06 -24.90 -13.12
C ASP A 186 -12.29 -24.72 -14.61
N LEU A 187 -11.31 -24.13 -15.29
CA LEU A 187 -11.43 -23.88 -16.72
C LEU A 187 -11.15 -25.13 -17.53
N THR A 188 -12.06 -25.43 -18.45
CA THR A 188 -11.96 -26.60 -19.31
C THR A 188 -11.47 -26.20 -20.69
N ALA A 189 -11.06 -27.21 -21.46
CA ALA A 189 -10.58 -26.97 -22.81
C ALA A 189 -11.65 -26.24 -23.62
N ALA A 190 -12.91 -26.59 -23.38
CA ALA A 190 -14.02 -25.95 -24.08
C ALA A 190 -14.02 -24.48 -23.71
N ASP A 191 -13.83 -24.21 -22.42
CA ASP A 191 -13.80 -22.84 -21.91
C ASP A 191 -12.76 -22.00 -22.67
N ARG A 192 -11.50 -22.44 -22.65
CA ARG A 192 -10.43 -21.72 -23.33
C ARG A 192 -10.71 -21.52 -24.82
N ASP A 193 -11.45 -22.47 -25.41
CA ASP A 193 -11.79 -22.38 -26.82
C ASP A 193 -12.56 -21.09 -27.04
N GLY A 194 -13.67 -20.95 -26.32
CA GLY A 194 -14.52 -19.79 -26.44
C GLY A 194 -13.82 -18.50 -26.06
N LEU A 195 -12.80 -18.60 -25.21
CA LEU A 195 -12.04 -17.44 -24.80
C LEU A 195 -10.98 -17.10 -25.85
N ARG A 196 -10.28 -18.12 -26.31
CA ARG A 196 -9.24 -17.92 -27.32
C ARG A 196 -9.89 -17.25 -28.52
N ALA A 197 -11.15 -17.62 -28.76
CA ALA A 197 -11.92 -17.09 -29.88
C ALA A 197 -12.44 -15.73 -29.48
N GLN A 198 -11.68 -15.02 -28.66
CA GLN A 198 -12.07 -13.69 -28.23
C GLN A 198 -10.85 -12.77 -28.21
N TRP A 199 -9.75 -13.19 -27.62
CA TRP A 199 -8.56 -12.34 -27.61
C TRP A 199 -7.98 -12.20 -29.01
N GLN A 200 -8.05 -13.29 -29.78
CA GLN A 200 -7.51 -13.32 -31.14
C GLN A 200 -8.35 -12.50 -32.12
N GLY A 211 -4.72 5.56 -28.95
CA GLY A 211 -3.53 5.05 -28.31
C GLY A 211 -3.58 5.10 -26.79
N ASP A 212 -2.40 5.07 -26.16
CA ASP A 212 -2.31 5.09 -24.69
C ASP A 212 -3.49 5.81 -24.02
N PRO A 213 -4.48 5.04 -23.54
CA PRO A 213 -5.67 5.58 -22.89
C PRO A 213 -5.49 6.06 -21.45
N PHE A 214 -4.31 5.81 -20.90
CA PHE A 214 -3.98 6.22 -19.52
C PHE A 214 -4.05 7.74 -19.40
N ARG A 215 -4.31 8.23 -18.18
CA ARG A 215 -4.39 9.68 -17.93
C ARG A 215 -3.86 10.14 -16.58
N SER A 216 -3.45 9.20 -15.73
CA SER A 216 -2.93 9.56 -14.42
C SER A 216 -1.40 9.54 -14.47
N ASP A 217 -0.78 9.61 -13.31
CA ASP A 217 0.68 9.60 -13.17
C ASP A 217 1.06 8.74 -11.96
N SER A 218 2.34 8.62 -11.65
CA SER A 218 2.75 7.81 -10.50
C SER A 218 2.21 8.40 -9.19
N TYR A 219 2.14 9.72 -9.12
CA TYR A 219 1.63 10.37 -7.92
C TYR A 219 0.24 9.84 -7.63
N GLY A 220 -0.54 9.72 -8.70
CA GLY A 220 -1.91 9.23 -8.60
C GLY A 220 -1.91 7.80 -8.09
N LEU A 221 -1.13 6.95 -8.74
CA LEU A 221 -1.03 5.56 -8.31
C LEU A 221 -0.63 5.55 -6.83
N LEU A 222 0.28 6.43 -6.45
CA LEU A 222 0.76 6.49 -5.07
C LEU A 222 -0.38 6.76 -4.12
N GLY A 223 -1.16 7.80 -4.40
CA GLY A 223 -2.29 8.12 -3.54
C GLY A 223 -3.24 6.94 -3.38
N ASN A 224 -3.40 6.18 -4.45
CA ASN A 224 -4.28 5.02 -4.43
C ASN A 224 -3.70 3.91 -3.56
N SER A 225 -2.37 3.94 -3.41
CA SER A 225 -1.69 2.94 -2.65
C SER A 225 -2.05 3.01 -1.17
N VAL A 226 -2.28 4.21 -0.65
CA VAL A 226 -2.64 4.30 0.77
C VAL A 226 -4.04 3.81 1.02
N ASP A 227 -4.96 4.14 0.14
CA ASP A 227 -6.33 3.70 0.32
C ASP A 227 -6.31 2.19 0.44
N ALA A 228 -5.41 1.57 -0.30
CA ALA A 228 -5.30 0.11 -0.31
C ALA A 228 -4.81 -0.46 1.03
N LEU A 229 -3.97 0.27 1.73
CA LEU A 229 -3.45 -0.20 3.01
C LEU A 229 -4.45 -0.20 4.15
N TYR A 230 -5.67 0.25 3.90
CA TYR A 230 -6.66 0.27 4.97
C TYR A 230 -7.91 -0.50 4.66
N ILE A 231 -7.81 -1.44 3.72
CA ILE A 231 -8.95 -2.28 3.41
C ILE A 231 -8.81 -3.46 4.36
N ARG A 232 -9.83 -3.67 5.18
CA ARG A 232 -9.83 -4.76 6.17
C ARG A 232 -9.93 -6.16 5.53
N GLU A 233 -9.28 -7.13 6.17
CA GLU A 233 -9.30 -8.53 5.72
C GLU A 233 -8.67 -8.79 4.34
N ARG A 234 -7.88 -7.83 3.86
CA ARG A 234 -7.26 -7.93 2.55
C ARG A 234 -6.48 -9.22 2.25
N LEU A 235 -5.29 -9.37 2.82
CA LEU A 235 -4.48 -10.56 2.59
C LEU A 235 -5.26 -11.82 2.89
N PRO A 236 -6.01 -11.86 4.00
CA PRO A 236 -6.78 -13.05 4.33
C PRO A 236 -7.73 -13.35 3.17
N LYS A 237 -8.40 -12.31 2.73
CA LYS A 237 -9.36 -12.43 1.64
C LYS A 237 -8.68 -12.87 0.35
N LEU A 238 -7.48 -12.32 0.11
CA LEU A 238 -6.77 -12.69 -1.09
C LEU A 238 -6.44 -14.17 -1.06
N ARG A 239 -6.01 -14.64 0.10
CA ARG A 239 -5.66 -16.04 0.28
C ARG A 239 -6.90 -16.93 0.09
N TYR A 240 -8.03 -16.50 0.66
CA TYR A 240 -9.27 -17.24 0.50
C TYR A 240 -9.57 -17.41 -0.99
N ASP A 241 -9.34 -16.34 -1.77
CA ASP A 241 -9.60 -16.38 -3.21
C ASP A 241 -8.72 -17.39 -3.92
N LYS A 242 -7.43 -17.41 -3.60
CA LYS A 242 -6.51 -18.36 -4.21
C LYS A 242 -7.07 -19.77 -4.10
N GLN A 243 -7.28 -20.18 -2.85
CA GLN A 243 -7.77 -21.51 -2.53
C GLN A 243 -9.09 -21.78 -3.23
N LEU A 244 -9.92 -20.75 -3.37
CA LEU A 244 -11.20 -20.93 -4.01
C LEU A 244 -11.15 -21.24 -5.51
N VAL A 245 -10.12 -20.74 -6.20
CA VAL A 245 -10.03 -20.97 -7.64
C VAL A 245 -8.83 -21.84 -8.03
N GLY A 246 -8.08 -22.29 -7.03
CA GLY A 246 -6.97 -23.17 -7.28
C GLY A 246 -5.63 -22.59 -7.67
N VAL A 247 -5.48 -21.28 -7.64
CA VAL A 247 -4.20 -20.69 -8.01
C VAL A 247 -3.19 -20.82 -6.87
N THR A 248 -2.50 -21.95 -6.85
CA THR A 248 -1.48 -22.27 -5.84
C THR A 248 -0.39 -21.22 -5.67
N GLU A 249 -0.15 -20.37 -6.66
CA GLU A 249 0.90 -19.36 -6.58
C GLU A 249 2.28 -20.01 -6.71
N ARG A 250 2.27 -21.32 -6.80
CA ARG A 250 3.42 -22.15 -7.04
C ARG A 250 3.31 -22.59 -8.49
N GLU A 251 2.53 -21.81 -9.23
CA GLU A 251 2.23 -22.03 -10.63
C GLU A 251 1.92 -20.69 -11.31
N SER A 252 1.96 -19.62 -10.53
CA SER A 252 1.66 -18.30 -11.06
C SER A 252 2.47 -17.24 -10.33
N TYR A 253 2.21 -15.99 -10.69
CA TYR A 253 2.92 -14.89 -10.08
C TYR A 253 2.15 -14.27 -8.93
N VAL A 254 1.15 -14.98 -8.40
CA VAL A 254 0.36 -14.45 -7.30
C VAL A 254 1.28 -14.26 -6.10
N LYS A 255 1.08 -13.16 -5.38
CA LYS A 255 1.91 -12.84 -4.23
C LYS A 255 1.28 -13.06 -2.87
N ALA A 256 -0.04 -13.23 -2.83
CA ALA A 256 -0.70 -13.47 -1.56
C ALA A 256 -0.38 -14.89 -1.11
N ASP B 4 -3.02 27.36 -5.19
CA ASP B 4 -1.90 28.18 -4.64
C ASP B 4 -2.13 28.53 -3.17
N GLU B 5 -1.10 29.05 -2.52
CA GLU B 5 -1.15 29.44 -1.11
C GLU B 5 -1.18 28.25 -0.15
N GLN B 6 -2.29 27.51 -0.16
CA GLN B 6 -2.43 26.34 0.71
C GLN B 6 -1.36 25.30 0.38
N GLN B 7 -1.08 25.14 -0.91
CA GLN B 7 -0.06 24.18 -1.35
C GLN B 7 1.26 24.50 -0.69
N SER B 8 1.46 25.78 -0.35
CA SER B 8 2.69 26.19 0.31
C SER B 8 2.52 25.91 1.80
N GLN B 9 1.26 25.92 2.25
CA GLN B 9 0.93 25.66 3.65
C GLN B 9 1.09 24.17 3.95
N ALA B 10 0.69 23.33 3.00
CA ALA B 10 0.80 21.88 3.15
C ALA B 10 2.27 21.47 3.11
N VAL B 11 3.05 22.13 2.26
CA VAL B 11 4.48 21.85 2.12
C VAL B 11 5.29 22.53 3.21
N ALA B 12 4.70 22.62 4.40
CA ALA B 12 5.36 23.20 5.55
C ALA B 12 5.85 21.97 6.29
N PRO B 13 6.84 22.11 7.18
CA PRO B 13 7.37 20.97 7.92
C PRO B 13 6.34 20.22 8.76
N VAL B 14 6.56 18.93 8.96
CA VAL B 14 5.65 18.09 9.75
C VAL B 14 6.39 17.40 10.88
N TYR B 15 5.73 17.29 12.04
CA TYR B 15 6.34 16.63 13.18
C TYR B 15 5.79 15.23 13.38
N VAL B 16 6.54 14.41 14.10
CA VAL B 16 6.14 13.04 14.36
C VAL B 16 6.81 12.53 15.61
N GLY B 17 6.15 11.62 16.30
CA GLY B 17 6.73 11.09 17.51
C GLY B 17 6.03 9.81 17.90
N GLY B 18 6.62 9.13 18.87
CA GLY B 18 6.06 7.89 19.35
C GLY B 18 7.15 7.08 20.00
N PHE B 19 6.79 5.92 20.54
CA PHE B 19 7.78 5.07 21.18
C PHE B 19 8.60 4.32 20.14
N LEU B 20 9.92 4.51 20.20
CA LEU B 20 10.81 3.80 19.29
C LEU B 20 11.09 2.45 19.93
N ALA B 21 10.41 2.20 21.04
CA ALA B 21 10.57 0.95 21.79
C ALA B 21 9.67 0.96 23.00
N ARG B 22 9.14 -0.20 23.36
CA ARG B 22 8.26 -0.31 24.51
C ARG B 22 8.88 -1.27 25.53
N TYR B 23 9.37 -0.73 26.66
CA TYR B 23 9.97 -1.54 27.71
C TYR B 23 9.02 -2.62 28.22
N ASP B 24 7.75 -2.26 28.39
CA ASP B 24 6.76 -3.22 28.86
C ASP B 24 6.43 -4.25 27.79
N GLN B 25 7.19 -4.24 26.70
CA GLN B 25 6.94 -5.20 25.62
C GLN B 25 8.10 -6.15 25.28
N SER B 26 7.74 -7.41 25.05
CA SER B 26 8.69 -8.47 24.71
C SER B 26 8.67 -8.76 23.22
N PRO B 27 9.73 -8.36 22.49
CA PRO B 27 9.73 -8.62 21.04
C PRO B 27 9.40 -10.06 20.74
N ASP B 28 8.25 -10.30 20.12
CA ASP B 28 7.84 -11.67 19.76
C ASP B 28 8.92 -12.27 18.86
N GLU B 29 9.93 -11.45 18.58
CA GLU B 29 11.10 -11.79 17.78
C GLU B 29 12.25 -11.11 18.52
N ALA B 30 12.96 -11.86 19.35
CA ALA B 30 14.09 -11.35 20.13
C ALA B 30 14.93 -10.36 19.34
N GLU B 31 15.97 -10.87 18.68
CA GLU B 31 16.88 -10.08 17.86
C GLU B 31 17.19 -8.65 18.36
N LEU B 32 16.22 -7.78 18.21
CA LEU B 32 16.31 -6.36 18.58
C LEU B 32 16.76 -6.05 20.01
N LEU B 33 15.88 -6.21 21.03
CA LEU B 33 16.21 -5.96 22.46
C LEU B 33 16.42 -4.52 22.87
N LEU B 34 15.57 -4.00 23.72
CA LEU B 34 15.58 -2.60 24.12
C LEU B 34 15.80 -2.25 25.60
N PRO B 35 15.86 -3.27 26.51
CA PRO B 35 16.06 -3.07 27.95
C PRO B 35 16.50 -1.70 28.49
N ARG B 36 15.71 -1.18 29.43
CA ARG B 36 15.92 0.12 30.08
C ARG B 36 17.37 0.65 30.06
N ASP B 37 18.16 0.23 31.04
CA ASP B 37 19.55 0.66 31.20
C ASP B 37 20.31 0.79 29.89
N VAL B 38 19.94 0.00 28.89
CA VAL B 38 20.59 0.06 27.60
C VAL B 38 20.54 1.49 27.09
N VAL B 39 19.45 1.83 26.41
CA VAL B 39 19.23 3.16 25.85
C VAL B 39 19.81 4.31 26.67
N GLU B 40 19.44 4.38 27.94
CA GLU B 40 19.93 5.43 28.83
C GLU B 40 21.44 5.57 28.64
N HIS B 41 22.12 4.44 28.81
CA HIS B 41 23.57 4.35 28.67
C HIS B 41 23.97 4.72 27.25
N TRP B 42 23.11 4.37 26.30
CA TRP B 42 23.36 4.61 24.88
C TRP B 42 23.06 6.03 24.40
N LEU B 43 21.92 6.59 24.84
CA LEU B 43 21.58 7.95 24.44
C LEU B 43 22.69 8.82 24.99
N HIS B 44 22.85 8.76 26.31
CA HIS B 44 23.90 9.50 27.00
C HIS B 44 25.25 9.03 26.46
N ALA B 45 25.84 9.81 25.55
CA ALA B 45 27.13 9.44 24.96
C ALA B 45 27.70 10.53 24.05
N GLN B 46 29.03 10.58 23.98
CA GLN B 46 29.78 11.55 23.17
C GLN B 46 29.91 12.91 23.86
N LEU B 53 28.10 18.80 20.75
CA LEU B 53 26.90 18.08 21.17
C LEU B 53 26.69 16.78 20.39
N SER B 54 25.51 16.18 20.54
CA SER B 54 25.16 14.92 19.88
C SER B 54 24.85 15.17 18.39
N VAL B 55 25.40 14.30 17.53
CA VAL B 55 25.22 14.40 16.07
C VAL B 55 23.81 14.12 15.55
N ALA B 56 23.44 14.84 14.50
CA ALA B 56 22.12 14.73 13.87
C ALA B 56 21.69 13.34 13.37
N LEU B 57 20.67 12.78 14.01
CA LEU B 57 20.13 11.47 13.62
C LEU B 57 19.24 11.71 12.41
N PRO B 58 19.29 10.81 11.42
CA PRO B 58 18.45 11.05 10.25
C PRO B 58 17.14 10.27 10.29
N LEU B 59 16.20 10.76 9.48
CA LEU B 59 14.89 10.15 9.36
C LEU B 59 14.74 9.77 7.88
N ASN B 60 14.49 8.49 7.62
CA ASN B 60 14.32 8.02 6.24
C ASN B 60 13.10 7.13 6.09
N ILE B 61 12.63 6.97 4.87
CA ILE B 61 11.48 6.11 4.65
C ILE B 61 12.00 4.69 4.60
N ASN B 62 11.41 3.83 5.43
CA ASN B 62 11.77 2.43 5.50
C ASN B 62 13.26 2.06 5.31
N HIS B 63 14.13 2.78 6.02
CA HIS B 63 15.56 2.52 6.01
C HIS B 63 16.30 2.85 4.72
N ASP B 64 15.59 3.39 3.75
CA ASP B 64 16.23 3.73 2.48
C ASP B 64 17.09 4.99 2.65
N ASP B 65 18.40 4.80 2.78
CA ASP B 65 19.29 5.93 2.97
C ASP B 65 19.24 6.95 1.85
N THR B 66 18.43 6.69 0.82
CA THR B 66 18.31 7.63 -0.28
C THR B 66 16.95 8.27 -0.24
N ALA B 67 16.23 8.02 0.86
CA ALA B 67 14.90 8.56 1.07
C ALA B 67 14.83 9.28 2.40
N VAL B 68 15.78 10.19 2.62
CA VAL B 68 15.85 10.98 3.84
C VAL B 68 14.80 12.07 3.70
N VAL B 69 14.07 12.30 4.78
CA VAL B 69 13.00 13.30 4.76
C VAL B 69 13.27 14.41 5.77
N GLY B 70 14.11 14.10 6.74
CA GLY B 70 14.47 15.04 7.79
C GLY B 70 15.39 14.43 8.82
N HIS B 71 15.15 14.76 10.09
CA HIS B 71 15.98 14.27 11.19
C HIS B 71 15.13 14.03 12.42
N VAL B 72 15.68 13.33 13.40
CA VAL B 72 14.96 13.12 14.65
C VAL B 72 15.29 14.41 15.38
N ALA B 73 14.28 15.06 15.95
CA ALA B 73 14.51 16.33 16.63
C ALA B 73 14.89 16.16 18.10
N ALA B 74 14.50 15.04 18.68
CA ALA B 74 14.81 14.80 20.09
C ALA B 74 14.40 13.40 20.48
N MET B 75 14.99 12.91 21.56
CA MET B 75 14.67 11.59 22.09
C MET B 75 14.75 11.68 23.59
N GLN B 76 14.01 10.83 24.28
CA GLN B 76 14.01 10.86 25.73
C GLN B 76 13.60 9.54 26.34
N SER B 77 14.26 9.17 27.43
CA SER B 77 13.93 7.94 28.13
C SER B 77 12.76 8.28 29.05
N VAL B 78 11.71 7.49 29.02
CA VAL B 78 10.57 7.80 29.88
C VAL B 78 9.91 6.62 30.57
N ARG B 79 8.74 6.89 31.12
CA ARG B 79 7.96 5.93 31.88
C ARG B 79 7.76 4.53 31.27
N ASP B 80 7.47 4.44 29.99
CA ASP B 80 7.22 3.12 29.39
C ASP B 80 8.14 2.69 28.25
N GLY B 81 9.13 3.52 27.91
CA GLY B 81 10.03 3.17 26.83
C GLY B 81 10.68 4.40 26.21
N LEU B 82 11.39 4.19 25.10
CA LEU B 82 12.03 5.31 24.43
C LEU B 82 10.98 6.04 23.59
N PHE B 83 11.11 7.35 23.52
CA PHE B 83 10.17 8.17 22.75
C PHE B 83 10.95 9.25 22.02
N CYS B 84 10.73 9.33 20.71
CA CYS B 84 11.41 10.35 19.95
C CYS B 84 10.42 11.18 19.14
N LEU B 85 10.84 12.41 18.90
CA LEU B 85 10.05 13.38 18.16
C LEU B 85 10.98 13.80 17.04
N GLY B 86 10.66 13.35 15.83
CA GLY B 86 11.47 13.70 14.69
C GLY B 86 10.81 14.81 13.90
N CYS B 87 11.53 15.38 12.95
CA CYS B 87 10.99 16.44 12.12
C CYS B 87 11.19 16.13 10.63
N VAL B 88 10.09 16.03 9.90
CA VAL B 88 10.11 15.75 8.46
C VAL B 88 10.20 17.08 7.70
N THR B 89 11.32 17.34 7.01
CA THR B 89 11.48 18.62 6.30
C THR B 89 11.64 18.66 4.78
N SER B 90 12.22 17.60 4.20
CA SER B 90 12.48 17.55 2.76
C SER B 90 11.47 18.22 1.82
N PRO B 91 11.84 19.38 1.27
CA PRO B 91 10.86 19.99 0.37
C PRO B 91 10.47 19.04 -0.78
N ARG B 92 11.41 18.20 -1.23
CA ARG B 92 11.12 17.26 -2.33
C ARG B 92 10.19 16.13 -1.89
N PHE B 93 10.50 15.53 -0.74
CA PHE B 93 9.68 14.46 -0.20
C PHE B 93 8.25 14.95 0.01
N LEU B 94 8.11 16.07 0.74
CA LEU B 94 6.83 16.68 1.02
C LEU B 94 6.01 17.00 -0.25
N GLU B 95 6.70 17.45 -1.29
CA GLU B 95 6.03 17.79 -2.53
C GLU B 95 5.32 16.59 -3.12
N ILE B 96 6.02 15.46 -3.14
CA ILE B 96 5.47 14.21 -3.65
C ILE B 96 4.23 13.88 -2.84
N VAL B 97 4.47 13.62 -1.56
CA VAL B 97 3.43 13.26 -0.60
C VAL B 97 2.18 14.15 -0.71
N ARG B 98 2.37 15.39 -1.14
CA ARG B 98 1.27 16.32 -1.27
C ARG B 98 0.49 16.15 -2.55
N ARG B 99 1.14 15.59 -3.56
CA ARG B 99 0.48 15.37 -4.83
C ARG B 99 -0.20 14.02 -4.78
N ALA B 100 0.40 13.12 -3.99
CA ALA B 100 -0.14 11.78 -3.81
C ALA B 100 -1.38 11.91 -2.97
N SER B 101 -1.31 12.80 -1.98
CA SER B 101 -2.43 13.03 -1.08
C SER B 101 -3.66 13.49 -1.83
N GLU B 102 -3.48 14.36 -2.81
CA GLU B 102 -4.60 14.86 -3.60
C GLU B 102 -5.32 13.72 -4.32
N LYS B 103 -4.61 12.62 -4.51
CA LYS B 103 -5.14 11.45 -5.20
C LYS B 103 -5.44 10.25 -4.30
N SER B 104 -5.91 10.50 -3.08
CA SER B 104 -6.23 9.44 -2.14
C SER B 104 -7.61 9.61 -1.54
N GLU B 105 -8.46 8.60 -1.77
CA GLU B 105 -9.83 8.60 -1.28
C GLU B 105 -9.84 8.66 0.24
N LEU B 106 -8.92 7.91 0.85
CA LEU B 106 -8.80 7.86 2.30
C LEU B 106 -8.59 9.28 2.84
N VAL B 107 -7.58 9.95 2.31
CA VAL B 107 -7.28 11.32 2.71
C VAL B 107 -8.48 12.19 2.37
N SER B 108 -9.09 11.93 1.23
CA SER B 108 -10.24 12.70 0.79
C SER B 108 -11.33 12.77 1.85
N ARG B 109 -11.52 11.67 2.58
CA ARG B 109 -12.54 11.62 3.60
C ARG B 109 -12.20 12.43 4.83
N GLY B 110 -10.94 12.82 4.94
CA GLY B 110 -10.51 13.64 6.06
C GLY B 110 -10.47 13.00 7.45
N PRO B 111 -10.15 13.83 8.46
CA PRO B 111 -10.02 13.55 9.90
C PRO B 111 -11.35 13.39 10.60
N VAL B 112 -11.30 13.25 11.93
CA VAL B 112 -12.49 13.09 12.75
C VAL B 112 -12.86 14.31 13.56
N SER B 113 -14.07 14.21 14.12
CA SER B 113 -14.77 15.18 14.96
C SER B 113 -14.40 16.64 14.81
N PRO B 114 -13.52 17.27 15.64
CA PRO B 114 -13.26 18.67 15.30
C PRO B 114 -11.87 18.91 14.73
N LEU B 115 -11.21 17.85 14.33
CA LEU B 115 -9.89 18.02 13.75
C LEU B 115 -10.02 18.59 12.35
N GLN B 116 -9.21 19.58 12.02
CA GLN B 116 -9.29 20.14 10.67
C GLN B 116 -8.49 19.29 9.71
N PRO B 117 -8.85 19.31 8.42
CA PRO B 117 -8.16 18.53 7.40
C PRO B 117 -6.69 18.94 7.24
N ASP B 118 -5.87 18.01 6.79
CA ASP B 118 -4.44 18.26 6.59
C ASP B 118 -3.96 17.08 5.78
N LYS B 119 -4.22 17.14 4.49
CA LYS B 119 -3.85 16.07 3.57
C LYS B 119 -2.45 15.54 3.78
N VAL B 120 -1.44 16.39 3.63
CA VAL B 120 -0.08 15.91 3.81
C VAL B 120 0.09 15.13 5.12
N VAL B 121 -0.38 15.67 6.24
CA VAL B 121 -0.25 14.94 7.51
C VAL B 121 -0.98 13.61 7.42
N GLU B 122 -2.24 13.63 7.01
CA GLU B 122 -3.04 12.43 6.86
C GLU B 122 -2.38 11.40 5.92
N PHE B 123 -1.86 11.83 4.78
CA PHE B 123 -1.23 10.86 3.90
C PHE B 123 -0.12 10.13 4.68
N LEU B 124 0.82 10.89 5.24
CA LEU B 124 1.90 10.30 6.01
C LEU B 124 1.32 9.39 7.07
N SER B 125 0.23 9.84 7.68
CA SER B 125 -0.41 9.08 8.75
C SER B 125 -0.85 7.70 8.32
N GLY B 126 -1.36 7.59 7.11
CA GLY B 126 -1.79 6.30 6.63
C GLY B 126 -0.66 5.49 6.02
N SER B 127 0.36 6.17 5.50
CA SER B 127 1.49 5.50 4.88
C SER B 127 2.49 4.95 5.86
N TYR B 128 2.94 5.81 6.77
CA TYR B 128 3.95 5.39 7.73
C TYR B 128 3.48 5.36 9.18
N ALA B 129 2.42 4.59 9.41
CA ALA B 129 1.85 4.44 10.73
C ALA B 129 2.88 4.11 11.80
N GLY B 130 3.98 3.48 11.40
CA GLY B 130 4.97 3.11 12.39
C GLY B 130 6.34 3.75 12.38
N LEU B 131 7.02 3.61 13.51
CA LEU B 131 8.36 4.13 13.71
C LEU B 131 9.38 2.98 13.84
N SER B 132 10.57 3.17 13.30
CA SER B 132 11.57 2.12 13.39
C SER B 132 12.96 2.66 13.71
N LEU B 133 13.56 2.11 14.76
CA LEU B 133 14.90 2.51 15.17
C LEU B 133 15.91 1.58 14.53
N SER B 134 16.89 2.16 13.82
CA SER B 134 17.93 1.36 13.16
C SER B 134 19.17 1.27 14.04
N THR B 153 27.91 5.24 16.61
CA THR B 153 26.80 5.26 17.55
C THR B 153 25.79 4.17 17.22
N PRO B 154 25.29 3.45 18.25
CA PRO B 154 24.32 2.37 18.06
C PRO B 154 23.09 2.81 17.27
N PHE B 155 22.49 3.91 17.69
CA PHE B 155 21.32 4.45 17.01
C PHE B 155 21.77 5.13 15.70
N LYS B 156 21.67 4.37 14.61
CA LYS B 156 22.06 4.84 13.28
C LYS B 156 21.06 5.84 12.71
N HIS B 157 19.77 5.56 12.89
CA HIS B 157 18.71 6.44 12.40
C HIS B 157 17.32 5.93 12.74
N VAL B 158 16.35 6.83 12.71
CA VAL B 158 14.98 6.43 12.98
C VAL B 158 14.34 6.44 11.60
N ALA B 159 13.43 5.50 11.36
CA ALA B 159 12.80 5.42 10.06
C ALA B 159 11.29 5.37 10.10
N LEU B 160 10.69 6.06 9.14
CA LEU B 160 9.25 6.08 9.02
C LEU B 160 8.95 4.91 8.08
N CYS B 161 8.03 4.05 8.52
CA CYS B 161 7.65 2.87 7.76
C CYS B 161 6.18 2.55 7.95
N SER B 162 5.64 1.67 7.11
CA SER B 162 4.23 1.32 7.18
C SER B 162 3.85 0.67 8.50
N VAL B 163 4.84 0.17 9.20
CA VAL B 163 4.62 -0.49 10.50
C VAL B 163 5.97 -0.87 11.12
N GLY B 164 5.94 -1.24 12.39
CA GLY B 164 7.19 -1.60 13.04
C GLY B 164 7.15 -3.00 13.62
N ARG B 165 8.32 -3.64 13.64
CA ARG B 165 8.45 -4.98 14.17
C ARG B 165 8.26 -4.90 15.69
N ARG B 166 8.79 -3.83 16.28
CA ARG B 166 8.65 -3.57 17.71
C ARG B 166 7.32 -2.87 17.97
N ARG B 167 6.45 -3.49 18.76
CA ARG B 167 5.14 -2.92 19.05
C ARG B 167 5.13 -1.68 19.93
N GLY B 168 4.18 -0.80 19.65
CA GLY B 168 4.04 0.46 20.35
C GLY B 168 4.84 1.48 19.58
N THR B 169 5.08 1.16 18.31
CA THR B 169 5.86 1.99 17.41
C THR B 169 5.01 2.99 16.61
N LEU B 170 3.69 2.93 16.81
CA LEU B 170 2.73 3.82 16.14
C LEU B 170 3.16 5.29 16.07
N ALA B 171 3.39 5.77 14.85
CA ALA B 171 3.82 7.15 14.61
C ALA B 171 2.65 8.13 14.62
N VAL B 172 2.92 9.36 15.03
CA VAL B 172 1.90 10.40 15.08
C VAL B 172 2.37 11.70 14.44
N TYR B 173 1.65 12.11 13.39
CA TYR B 173 1.99 13.32 12.67
C TYR B 173 1.16 14.50 13.13
N GLY B 174 1.80 15.66 13.21
CA GLY B 174 1.10 16.86 13.62
C GLY B 174 1.93 18.04 13.17
N ARG B 175 1.34 19.23 13.20
CA ARG B 175 2.09 20.40 12.78
C ARG B 175 2.86 21.04 13.95
N ASP B 176 2.36 20.84 15.17
CA ASP B 176 2.97 21.38 16.38
C ASP B 176 3.48 20.23 17.27
N PRO B 177 4.79 20.20 17.52
CA PRO B 177 5.36 19.14 18.36
C PRO B 177 4.63 18.94 19.68
N GLU B 178 4.43 20.03 20.41
CA GLU B 178 3.73 19.94 21.68
C GLU B 178 2.42 19.21 21.48
N TRP B 179 1.76 19.51 20.38
CA TRP B 179 0.48 18.91 20.05
C TRP B 179 0.58 17.40 19.97
N VAL B 180 1.57 16.93 19.23
CA VAL B 180 1.75 15.49 19.06
C VAL B 180 2.05 14.84 20.39
N THR B 181 2.99 15.41 21.14
CA THR B 181 3.35 14.85 22.43
C THR B 181 2.06 14.68 23.22
N GLN B 182 1.19 15.68 23.07
CA GLN B 182 -0.10 15.70 23.74
C GLN B 182 -1.04 14.57 23.33
N ARG B 183 -0.68 13.87 22.27
CA ARG B 183 -1.48 12.75 21.78
C ARG B 183 -1.27 11.52 22.64
N PHE B 184 -0.07 11.37 23.19
CA PHE B 184 0.30 10.21 24.02
C PHE B 184 0.16 10.39 25.53
N PRO B 185 -0.85 9.74 26.15
CA PRO B 185 -1.14 9.79 27.58
C PRO B 185 0.04 9.47 28.52
N ASP B 186 0.68 8.32 28.31
CA ASP B 186 1.81 7.91 29.17
C ASP B 186 2.75 9.07 29.48
N LEU B 187 2.93 9.95 28.51
CA LEU B 187 3.82 11.09 28.70
C LEU B 187 3.36 11.98 29.85
N THR B 188 4.28 12.81 30.35
CA THR B 188 3.98 13.73 31.45
C THR B 188 4.65 15.09 31.22
N ALA B 189 4.15 16.11 31.90
CA ALA B 189 4.70 17.45 31.77
C ALA B 189 6.20 17.31 31.87
N ALA B 190 6.63 16.54 32.87
CA ALA B 190 8.03 16.28 33.12
C ALA B 190 8.68 15.82 31.83
N ASP B 191 8.18 14.72 31.28
CA ASP B 191 8.72 14.18 30.04
C ASP B 191 8.72 15.22 28.94
N ARG B 192 7.57 15.88 28.74
CA ARG B 192 7.47 16.90 27.71
C ARG B 192 8.52 17.99 27.93
N ASP B 193 8.87 18.23 29.19
CA ASP B 193 9.88 19.24 29.52
C ASP B 193 11.17 18.91 28.80
N GLY B 194 11.69 17.71 29.08
CA GLY B 194 12.93 17.28 28.46
C GLY B 194 12.86 17.32 26.95
N LEU B 195 11.86 16.64 26.40
CA LEU B 195 11.66 16.59 24.96
C LEU B 195 11.68 18.00 24.38
N ARG B 196 10.78 18.83 24.89
CA ARG B 196 10.65 20.22 24.46
C ARG B 196 12.00 20.94 24.51
N ALA B 197 12.70 20.76 25.62
CA ALA B 197 13.99 21.38 25.82
C ALA B 197 14.98 20.99 24.73
N GLN B 198 14.67 19.91 24.01
CA GLN B 198 15.55 19.39 22.97
C GLN B 198 15.38 19.98 21.56
N TRP B 199 14.18 19.91 21.01
CA TRP B 199 13.96 20.43 19.66
C TRP B 199 14.05 21.95 19.53
N GLN B 200 14.08 22.65 20.66
CA GLN B 200 14.15 24.11 20.65
C GLN B 200 15.59 24.59 20.46
N SER B 210 23.79 21.33 5.05
CA SER B 210 22.35 21.24 4.83
C SER B 210 21.96 21.09 3.35
N GLY B 211 20.64 21.05 3.11
CA GLY B 211 20.11 20.89 1.77
C GLY B 211 18.97 19.89 1.79
N ASP B 212 18.48 19.47 0.63
CA ASP B 212 17.40 18.49 0.55
C ASP B 212 18.03 17.10 0.61
N PRO B 213 17.99 16.45 1.78
CA PRO B 213 18.56 15.12 1.98
C PRO B 213 17.91 14.00 1.16
N PHE B 214 16.68 14.23 0.71
CA PHE B 214 15.96 13.23 -0.05
C PHE B 214 16.61 13.00 -1.42
N ARG B 215 16.70 11.73 -1.81
CA ARG B 215 17.31 11.35 -3.07
C ARG B 215 16.41 10.45 -3.91
N SER B 216 15.42 9.83 -3.28
CA SER B 216 14.49 8.93 -3.97
C SER B 216 13.48 9.72 -4.78
N ASP B 217 12.46 9.05 -5.29
CA ASP B 217 11.39 9.72 -6.07
C ASP B 217 10.05 9.00 -5.87
N SER B 218 9.00 9.49 -6.53
CA SER B 218 7.68 8.88 -6.37
C SER B 218 7.68 7.39 -6.71
N TYR B 219 8.44 7.01 -7.73
CA TYR B 219 8.52 5.61 -8.13
C TYR B 219 9.09 4.83 -6.97
N GLY B 220 10.05 5.44 -6.28
CA GLY B 220 10.68 4.80 -5.15
C GLY B 220 9.66 4.48 -4.06
N LEU B 221 8.92 5.49 -3.66
CA LEU B 221 7.89 5.31 -2.64
C LEU B 221 6.85 4.33 -3.22
N LEU B 222 6.50 4.47 -4.49
CA LEU B 222 5.53 3.55 -5.04
C LEU B 222 6.05 2.14 -4.85
N GLY B 223 7.31 1.93 -5.25
CA GLY B 223 7.89 0.61 -5.11
C GLY B 223 7.81 0.06 -3.70
N ASN B 224 8.07 0.90 -2.72
CA ASN B 224 8.00 0.45 -1.35
C ASN B 224 6.55 0.13 -0.98
N SER B 225 5.63 0.79 -1.69
CA SER B 225 4.20 0.64 -1.46
C SER B 225 3.67 -0.81 -1.42
N VAL B 226 3.98 -1.62 -2.43
CA VAL B 226 3.47 -3.00 -2.43
C VAL B 226 4.10 -3.86 -1.34
N ASP B 227 5.39 -3.62 -1.08
CA ASP B 227 6.12 -4.36 -0.08
C ASP B 227 5.32 -4.26 1.21
N ALA B 228 4.75 -3.08 1.44
CA ALA B 228 3.93 -2.81 2.62
C ALA B 228 2.68 -3.66 2.61
N LEU B 229 2.09 -3.79 1.43
CA LEU B 229 0.86 -4.57 1.27
C LEU B 229 1.09 -6.02 1.63
N TYR B 230 2.34 -6.40 1.82
CA TYR B 230 2.57 -7.78 2.13
C TYR B 230 3.05 -8.08 3.53
N ILE B 231 3.03 -7.05 4.37
CA ILE B 231 3.42 -7.27 5.75
C ILE B 231 2.19 -7.94 6.37
N ARG B 232 2.39 -9.14 6.92
CA ARG B 232 1.32 -9.92 7.54
C ARG B 232 0.66 -9.22 8.73
N GLU B 233 -0.68 -9.20 8.74
CA GLU B 233 -1.42 -8.56 9.83
C GLU B 233 -0.91 -7.15 10.16
N ARG B 234 -1.00 -6.22 9.21
CA ARG B 234 -0.52 -4.87 9.47
C ARG B 234 -1.51 -4.10 10.33
N LEU B 235 -2.76 -4.02 9.87
CA LEU B 235 -3.80 -3.31 10.61
C LEU B 235 -3.98 -3.88 12.02
N PRO B 236 -4.41 -5.14 12.13
CA PRO B 236 -4.57 -5.72 13.47
C PRO B 236 -3.37 -5.35 14.35
N LYS B 237 -2.17 -5.42 13.80
CA LYS B 237 -0.98 -5.03 14.56
C LYS B 237 -1.15 -3.56 14.92
N LEU B 238 -1.16 -2.72 13.90
CA LEU B 238 -1.34 -1.28 14.06
C LEU B 238 -2.40 -0.92 15.12
N ARG B 239 -3.61 -1.44 14.95
CA ARG B 239 -4.68 -1.16 15.92
C ARG B 239 -4.17 -1.39 17.34
N TYR B 240 -3.41 -2.47 17.51
CA TYR B 240 -2.86 -2.83 18.81
C TYR B 240 -2.09 -1.66 19.43
N ASP B 241 -1.05 -1.21 18.74
CA ASP B 241 -0.25 -0.10 19.26
C ASP B 241 -1.11 1.13 19.57
N LYS B 242 -2.28 1.21 18.95
CA LYS B 242 -3.18 2.34 19.17
C LYS B 242 -3.62 2.36 20.62
N GLN B 243 -4.09 1.23 21.13
CA GLN B 243 -4.51 1.15 22.52
C GLN B 243 -3.30 1.00 23.43
N LEU B 244 -2.31 0.28 22.95
CA LEU B 244 -1.10 0.06 23.73
C LEU B 244 -0.49 1.43 24.11
N VAL B 245 -0.92 2.48 23.42
CA VAL B 245 -0.40 3.81 23.66
C VAL B 245 -1.48 4.76 24.17
N GLY B 246 -2.74 4.38 23.96
CA GLY B 246 -3.85 5.19 24.39
C GLY B 246 -4.34 6.20 23.37
N VAL B 247 -3.73 6.20 22.19
CA VAL B 247 -4.13 7.14 21.17
C VAL B 247 -5.54 6.86 20.64
N THR B 248 -6.08 5.71 20.99
CA THR B 248 -7.43 5.36 20.56
C THR B 248 -8.41 6.20 21.36
N GLU B 249 -8.17 6.24 22.68
CA GLU B 249 -8.99 6.96 23.64
C GLU B 249 -8.78 8.48 23.58
N ARG B 250 -8.37 8.96 22.40
CA ARG B 250 -8.14 10.37 22.15
C ARG B 250 -8.45 10.60 20.67
N GLU B 251 -8.17 11.79 20.16
CA GLU B 251 -8.42 12.07 18.75
C GLU B 251 -7.11 12.51 18.09
N SER B 252 -6.82 11.96 16.92
CA SER B 252 -5.60 12.28 16.21
C SER B 252 -5.83 12.17 14.73
N TYR B 253 -4.75 11.93 14.01
CA TYR B 253 -4.79 11.79 12.55
C TYR B 253 -4.50 10.34 12.19
N VAL B 254 -4.39 9.46 13.19
CA VAL B 254 -4.12 8.06 12.93
C VAL B 254 -5.29 7.50 12.15
N LYS B 255 -4.98 6.81 11.05
CA LYS B 255 -6.02 6.23 10.20
C LYS B 255 -6.31 4.78 10.56
N ALA B 256 -5.52 4.23 11.49
CA ALA B 256 -5.72 2.85 11.91
C ALA B 256 -6.90 2.72 12.87
CA 0FP C . -27.39 2.74 -11.00
C 0FP C . -26.16 1.97 -11.45
O 0FP C . -26.18 1.27 -12.48
CB 0FP C . -27.00 3.87 -10.03
CG 0FP C . -28.19 4.71 -9.55
CD 0FP C . -27.78 5.92 -8.72
CE 0FP C . -28.97 6.85 -8.51
NZ 0FP C . -29.59 7.28 -9.81
N 0FP C . -25.09 2.11 -10.68
CA1 0FP C . -23.85 1.41 -10.99
CB1 0FP C . -22.78 2.39 -11.55
CG1 0FP C . -22.27 3.32 -10.43
CG2 0FP C . -21.61 1.60 -12.14
CG3 0FP C . -23.40 3.25 -12.65
C1 0FP C . -23.32 0.78 -9.71
O1 0FP C . -23.58 1.27 -8.61
N1 0FP C . -22.58 -0.31 -9.88
CA2 0FP C . -21.99 -1.00 -8.72
CB2 0FP C . -22.82 -2.27 -8.34
CG11 0FP C . -23.05 -3.15 -9.59
CG21 0FP C . -22.05 -3.09 -7.29
CG31 0FP C . -24.16 -1.86 -7.75
C2 0FP C . -20.53 -1.36 -9.01
O2 0FP C . -20.21 -1.96 -10.03
N2 0FP C . -19.65 -0.97 -8.08
CA3 0FP C . -18.22 -1.24 -8.22
CB3 0FP C . -17.42 0.05 -8.14
CG4 0FP C . -17.69 1.01 -9.28
OD1 0FP C . -18.15 0.61 -10.36
ND2 0FP C . -17.39 2.30 -9.06
CE1 0FP C . -16.84 2.77 -7.81
CE2 0FP C . -17.59 3.26 -10.12
C3 0FP C . -17.69 -2.20 -7.16
O3 0FP C . -17.84 -1.97 -5.96
N3 0FP C . -17.05 -3.28 -7.62
CA4 0FP C . -16.44 -4.25 -6.72
C4 0FP C . -14.94 -4.20 -6.88
O4 0FP C . -14.42 -5.39 -6.39
CB4 0FP C . -16.94 -5.64 -7.03
C11 0FP C . -14.38 -3.00 -6.10
O11 0FP C . -14.98 -1.92 -6.07
N21 0FP C . -13.22 -3.17 -5.46
C31 0FP C . -12.56 -2.12 -4.68
C311 0FP C . -11.04 -2.07 -4.94
C32 0FP C . -10.42 -0.83 -4.31
C41 0FP C . -12.77 -2.31 -3.20
C5 0FP C . -13.70 -1.54 -2.51
C6 0FP C . -13.87 -1.67 -1.12
C7 0FP C . -13.10 -2.59 -0.42
C8 0FP C . -12.17 -3.38 -1.10
C9 0FP C . -12.01 -3.24 -2.48
#